data_3LR8
#
_entry.id   3LR8
#
_cell.length_a   91.193
_cell.length_b   91.193
_cell.length_c   143.546
_cell.angle_alpha   90.00
_cell.angle_beta   90.00
_cell.angle_gamma   120.00
#
_symmetry.space_group_name_H-M   'P 61 2 2'
#
loop_
_entity.id
_entity.type
_entity.pdbx_description
1 polymer 'Major ampullate spidroin 1'
2 non-polymer 1,2-ETHANEDIOL
3 non-polymer DI(HYDROXYETHYL)ETHER
4 non-polymer 'TRIETHYLENE GLYCOL'
5 water water
#
_entity_poly.entity_id   1
_entity_poly.type   'polypeptide(L)'
_entity_poly.pdbx_seq_one_letter_code
;GSGNSHTTPWTNPGLAENFMNSFMQGLSSMPGFTASQLDDMSTIAQSMVQSIQSLAAQGRTSPNKLQALNMAFASSMAQI
AASEEGGGSLSTKTSSIASAMSNAFLQTTGVVNQPFINEITQLVSMFAQAGMNDVSA
;
_entity_poly.pdbx_strand_id   A,B
#
loop_
_chem_comp.id
_chem_comp.type
_chem_comp.name
_chem_comp.formula
EDO non-polymer 1,2-ETHANEDIOL 'C2 H6 O2'
PEG non-polymer DI(HYDROXYETHYL)ETHER 'C4 H10 O3'
PGE non-polymer 'TRIETHYLENE GLYCOL' 'C6 H14 O4'
#
# COMPACT_ATOMS: atom_id res chain seq x y z
N GLY A 1 13.08 28.31 2.26
CA GLY A 1 12.90 28.00 3.69
C GLY A 1 14.08 27.28 4.32
N SER A 2 13.84 26.68 5.50
CA SER A 2 14.85 25.88 6.20
C SER A 2 14.60 24.36 6.01
N GLY A 3 13.51 23.98 5.25
CA GLY A 3 12.90 22.62 5.58
C GLY A 3 11.98 22.31 6.72
N ASN A 4 11.32 23.34 7.25
CA ASN A 4 10.38 23.14 8.36
C ASN A 4 9.08 22.44 7.98
N SER A 5 8.81 22.39 6.67
CA SER A 5 7.60 21.75 6.15
C SER A 5 7.93 20.42 5.47
N HIS A 6 9.16 19.96 5.67
CA HIS A 6 9.60 18.68 5.12
C HIS A 6 10.31 17.89 6.21
N THR A 7 9.58 17.66 7.32
CA THR A 7 10.16 17.14 8.56
C THR A 7 9.66 15.74 8.97
N THR A 8 8.78 15.14 8.15
CA THR A 8 8.21 13.81 8.46
C THR A 8 8.21 12.90 7.21
N PRO A 9 8.08 11.57 7.40
CA PRO A 9 7.94 10.63 6.28
C PRO A 9 6.78 10.94 5.33
N TRP A 10 5.88 11.82 5.75
CA TRP A 10 4.69 12.15 4.99
C TRP A 10 4.89 13.39 4.11
N THR A 11 5.95 14.16 4.41
CA THR A 11 6.26 15.36 3.66
C THR A 11 7.66 15.33 3.04
N ASN A 12 8.43 14.27 3.31
CA ASN A 12 9.83 14.25 2.96
C ASN A 12 10.13 12.84 2.46
N PRO A 13 10.44 12.69 1.16
CA PRO A 13 10.71 11.35 0.58
C PRO A 13 11.91 10.64 1.23
N GLY A 14 12.98 11.39 1.52
CA GLY A 14 14.11 10.80 2.23
C GLY A 14 13.72 10.25 3.60
N LEU A 15 12.89 10.96 4.34
CA LEU A 15 12.41 10.47 5.65
C LEU A 15 11.50 9.24 5.50
N ALA A 16 10.65 9.22 4.46
CA ALA A 16 9.83 8.03 4.18
C ALA A 16 10.69 6.76 3.91
N GLU A 17 11.76 6.90 3.12
CA GLU A 17 12.71 5.80 2.84
C GLU A 17 13.39 5.32 4.13
N ASN A 18 13.84 6.27 4.95
CA ASN A 18 14.49 5.98 6.23
C ASN A 18 13.50 5.22 7.17
N PHE A 19 12.28 5.75 7.31
CA PHE A 19 11.22 5.06 8.08
C PHE A 19 11.07 3.59 7.64
N MET A 20 11.01 3.35 6.34
CA MET A 20 10.78 2.02 5.81
C MET A 20 11.97 1.11 6.06
N ASN A 21 13.17 1.64 5.84
CA ASN A 21 14.39 0.90 6.18
C ASN A 21 14.48 0.57 7.67
N SER A 22 14.12 1.54 8.48
CA SER A 22 14.25 1.39 9.91
C SER A 22 13.20 0.38 10.43
N PHE A 23 12.01 0.39 9.82
CA PHE A 23 10.99 -0.59 10.19
C PHE A 23 11.53 -2.02 10.01
N MET A 24 12.14 -2.26 8.86
CA MET A 24 12.66 -3.59 8.50
C MET A 24 13.84 -4.02 9.38
N GLN A 25 14.73 -3.07 9.71
CA GLN A 25 15.82 -3.27 10.63
C GLN A 25 15.37 -3.71 12.04
N GLY A 26 14.45 -2.97 12.65
CA GLY A 26 13.85 -3.32 13.95
C GLY A 26 13.08 -4.64 14.00
N LEU A 27 12.18 -4.84 13.02
CA LEU A 27 11.40 -6.09 12.90
C LEU A 27 12.22 -7.39 12.97
N SER A 28 13.45 -7.34 12.47
CA SER A 28 14.32 -8.49 12.43
C SER A 28 14.81 -8.95 13.82
N SER A 29 14.58 -8.12 14.85
CA SER A 29 14.94 -8.44 16.22
C SER A 29 13.70 -8.69 17.10
N MET A 30 12.56 -8.84 16.46
CA MET A 30 11.30 -9.04 17.17
C MET A 30 10.74 -10.46 16.93
N PRO A 31 9.91 -10.96 17.86
CA PRO A 31 9.41 -12.32 17.73
C PRO A 31 8.40 -12.52 16.57
N GLY A 32 8.28 -13.77 16.12
CA GLY A 32 7.10 -14.17 15.39
C GLY A 32 7.24 -14.38 13.91
N PHE A 33 8.44 -14.15 13.38
CA PHE A 33 8.64 -14.26 11.95
C PHE A 33 9.76 -15.27 11.63
N THR A 34 9.55 -16.10 10.60
CA THR A 34 10.64 -16.95 10.09
C THR A 34 11.57 -16.07 9.26
N ALA A 35 12.74 -16.63 8.93
CA ALA A 35 13.77 -15.97 8.10
C ALA A 35 13.25 -15.63 6.71
N SER A 36 12.48 -16.58 6.17
CA SER A 36 11.92 -16.55 4.84
C SER A 36 10.86 -15.45 4.75
N GLN A 37 10.10 -15.28 5.84
CA GLN A 37 9.09 -14.20 5.97
C GLN A 37 9.72 -12.82 6.06
N LEU A 38 10.74 -12.71 6.92
CA LEU A 38 11.59 -11.50 6.98
C LEU A 38 12.21 -11.13 5.64
N ASP A 39 12.60 -12.15 4.88
CA ASP A 39 13.21 -11.98 3.57
C ASP A 39 12.19 -11.37 2.58
N ASP A 40 10.92 -11.79 2.69
CA ASP A 40 9.85 -11.38 1.78
C ASP A 40 9.48 -9.94 2.12
N MET A 41 9.43 -9.65 3.41
CA MET A 41 9.12 -8.31 3.89
C MET A 41 10.22 -7.33 3.48
N SER A 42 11.50 -7.76 3.59
CA SER A 42 12.62 -6.91 3.18
CA SER A 42 12.64 -6.94 3.17
CA SER A 42 12.65 -6.96 3.18
C SER A 42 12.62 -6.66 1.67
N THR A 43 12.19 -7.65 0.91
CA THR A 43 12.11 -7.47 -0.55
C THR A 43 11.05 -6.42 -0.90
N ILE A 44 9.89 -6.53 -0.25
CA ILE A 44 8.79 -5.61 -0.50
C ILE A 44 9.11 -4.20 0.00
N ALA A 45 9.69 -4.10 1.22
CA ALA A 45 10.16 -2.82 1.76
C ALA A 45 11.17 -2.12 0.82
N GLN A 46 12.16 -2.88 0.33
CA GLN A 46 13.16 -2.37 -0.62
C GLN A 46 12.50 -1.89 -1.95
N SER A 47 11.46 -2.60 -2.39
CA SER A 47 10.67 -2.23 -3.56
CA SER A 47 10.66 -2.22 -3.56
C SER A 47 9.96 -0.88 -3.31
N MET A 48 9.35 -0.73 -2.14
CA MET A 48 8.71 0.53 -1.77
C MET A 48 9.74 1.69 -1.70
N VAL A 49 10.85 1.48 -1.02
CA VAL A 49 11.94 2.49 -0.92
C VAL A 49 12.42 2.96 -2.32
N GLN A 50 12.73 2.02 -3.22
CA GLN A 50 13.12 2.34 -4.59
C GLN A 50 12.06 3.13 -5.37
N SER A 51 10.78 2.77 -5.14
CA SER A 51 9.68 3.45 -5.82
CA SER A 51 9.68 3.45 -5.82
C SER A 51 9.67 4.93 -5.41
N ILE A 52 9.80 5.18 -4.11
CA ILE A 52 9.93 6.53 -3.57
C ILE A 52 11.18 7.26 -4.06
N GLN A 53 12.36 6.60 -4.01
CA GLN A 53 13.59 7.18 -4.58
C GLN A 53 13.41 7.60 -6.05
N SER A 54 12.78 6.76 -6.84
CA SER A 54 12.51 7.05 -8.24
C SER A 54 11.53 8.22 -8.42
N LEU A 55 10.41 8.22 -7.71
CA LEU A 55 9.49 9.41 -7.71
C LEU A 55 10.16 10.71 -7.26
N ALA A 56 10.94 10.63 -6.17
CA ALA A 56 11.75 11.77 -5.71
C ALA A 56 12.72 12.27 -6.79
N ALA A 57 13.46 11.35 -7.42
CA ALA A 57 14.39 11.73 -8.51
C ALA A 57 13.70 12.46 -9.66
N GLN A 58 12.43 12.13 -9.91
CA GLN A 58 11.63 12.71 -10.97
C GLN A 58 10.92 14.00 -10.58
N GLY A 59 10.87 14.31 -9.29
CA GLY A 59 10.15 15.47 -8.79
C GLY A 59 8.65 15.28 -8.71
N ARG A 60 8.21 14.02 -8.56
CA ARG A 60 6.81 13.65 -8.67
C ARG A 60 6.15 13.24 -7.33
N THR A 61 6.82 13.47 -6.18
CA THR A 61 6.16 13.25 -4.87
C THR A 61 5.39 14.50 -4.38
N SER A 62 4.49 14.27 -3.43
CA SER A 62 3.70 15.34 -2.81
C SER A 62 3.32 14.82 -1.43
N PRO A 63 2.96 15.71 -0.49
CA PRO A 63 2.39 15.17 0.76
C PRO A 63 1.33 14.09 0.60
N ASN A 64 0.31 14.31 -0.25
CA ASN A 64 -0.76 13.34 -0.47
C ASN A 64 -0.28 12.01 -1.05
N LYS A 65 0.66 12.04 -2.00
CA LYS A 65 1.19 10.83 -2.58
C LYS A 65 2.08 10.11 -1.59
N LEU A 66 2.88 10.84 -0.84
CA LEU A 66 3.65 10.22 0.26
C LEU A 66 2.78 9.55 1.36
N GLN A 67 1.67 10.16 1.76
CA GLN A 67 0.74 9.53 2.70
C GLN A 67 0.19 8.25 2.11
N ALA A 68 -0.19 8.28 0.82
CA ALA A 68 -0.71 7.08 0.14
C ALA A 68 0.35 5.96 0.16
N LEU A 69 1.60 6.31 -0.13
CA LEU A 69 2.69 5.35 -0.27
C LEU A 69 3.17 4.81 1.09
N ASN A 70 3.12 5.65 2.14
CA ASN A 70 3.44 5.16 3.46
C ASN A 70 2.35 4.16 3.90
N MET A 71 1.07 4.44 3.59
CA MET A 71 -0.03 3.50 3.90
C MET A 71 0.09 2.22 3.07
N ALA A 72 0.50 2.34 1.82
CA ALA A 72 0.78 1.19 0.94
C ALA A 72 1.84 0.25 1.54
N PHE A 73 2.92 0.85 2.01
CA PHE A 73 3.98 0.11 2.67
C PHE A 73 3.46 -0.66 3.90
N ALA A 74 2.81 0.07 4.82
CA ALA A 74 2.31 -0.52 6.07
C ALA A 74 1.27 -1.60 5.78
N SER A 75 0.41 -1.38 4.78
CA SER A 75 -0.58 -2.40 4.33
C SER A 75 0.05 -3.66 3.76
N SER A 76 1.07 -3.50 2.91
CA SER A 76 1.82 -4.64 2.38
C SER A 76 2.49 -5.48 3.50
N MET A 77 2.97 -4.83 4.56
CA MET A 77 3.53 -5.57 5.68
C MET A 77 2.45 -6.33 6.45
N ALA A 78 1.34 -5.64 6.74
CA ALA A 78 0.14 -6.23 7.34
C ALA A 78 -0.37 -7.42 6.51
N GLN A 79 -0.42 -7.25 5.18
CA GLN A 79 -0.91 -8.31 4.27
C GLN A 79 -0.05 -9.54 4.30
N ILE A 80 1.25 -9.36 4.12
CA ILE A 80 2.16 -10.49 4.13
C ILE A 80 2.21 -11.25 5.49
N ALA A 81 2.08 -10.52 6.61
CA ALA A 81 2.02 -11.12 7.93
C ALA A 81 0.77 -12.01 8.06
N ALA A 82 -0.35 -11.53 7.50
CA ALA A 82 -1.63 -12.25 7.48
C ALA A 82 -1.64 -13.45 6.54
N SER A 83 -0.88 -13.38 5.45
CA SER A 83 -0.84 -14.46 4.45
C SER A 83 0.13 -15.60 4.78
N GLU A 84 1.24 -15.28 5.44
CA GLU A 84 2.29 -16.23 5.61
C GLU A 84 2.20 -16.87 7.01
N GLU A 85 1.87 -18.16 7.00
CA GLU A 85 1.62 -18.88 8.24
C GLU A 85 2.92 -19.47 8.73
N GLY A 86 2.96 -19.75 10.02
CA GLY A 86 4.15 -20.32 10.62
C GLY A 86 4.94 -19.20 11.28
N GLY A 87 5.71 -19.56 12.31
CA GLY A 87 6.64 -18.63 12.92
C GLY A 87 6.18 -18.01 14.23
N GLY A 88 4.87 -17.90 14.41
CA GLY A 88 4.28 -17.34 15.63
C GLY A 88 2.80 -17.13 15.41
N SER A 89 2.07 -16.74 16.46
CA SER A 89 0.65 -16.43 16.33
C SER A 89 0.40 -15.15 15.56
N LEU A 90 -0.83 -14.97 15.10
CA LEU A 90 -1.26 -13.73 14.47
C LEU A 90 -1.01 -12.52 15.41
N SER A 91 -1.35 -12.75 16.66
CA SER A 91 -1.24 -11.77 17.72
C SER A 91 0.20 -11.32 18.00
N THR A 92 1.16 -12.27 18.00
CA THR A 92 2.60 -11.98 18.11
C THR A 92 3.14 -11.19 16.91
N LYS A 93 2.83 -11.67 15.70
CA LYS A 93 3.18 -10.99 14.45
CA LYS A 93 3.19 -10.98 14.46
C LYS A 93 2.66 -9.55 14.43
N THR A 94 1.45 -9.34 14.96
CA THR A 94 0.81 -8.05 14.92
C THR A 94 1.52 -7.09 15.85
N SER A 95 1.85 -7.54 17.07
CA SER A 95 2.48 -6.66 18.02
C SER A 95 3.92 -6.39 17.63
N SER A 96 4.56 -7.35 16.96
CA SER A 96 5.88 -7.11 16.34
C SER A 96 5.83 -6.03 15.23
N ILE A 97 4.78 -6.03 14.42
CA ILE A 97 4.59 -4.99 13.39
CA ILE A 97 4.62 -4.98 13.39
C ILE A 97 4.44 -3.64 14.09
N ALA A 98 3.58 -3.60 15.12
CA ALA A 98 3.36 -2.40 15.88
C ALA A 98 4.66 -1.91 16.50
N SER A 99 5.46 -2.81 17.08
CA SER A 99 6.73 -2.44 17.71
CA SER A 99 6.73 -2.38 17.70
C SER A 99 7.73 -1.91 16.67
N ALA A 100 7.83 -2.61 15.54
CA ALA A 100 8.71 -2.18 14.46
C ALA A 100 8.36 -0.80 13.89
N MET A 101 7.07 -0.52 13.69
CA MET A 101 6.53 0.80 13.28
C MET A 101 6.91 1.88 14.32
N SER A 102 6.63 1.56 15.58
CA SER A 102 6.86 2.45 16.72
CA SER A 102 6.86 2.45 16.72
C SER A 102 8.34 2.86 16.81
N ASN A 103 9.22 1.87 16.76
CA ASN A 103 10.65 2.15 16.77
C ASN A 103 11.19 2.88 15.53
N ALA A 104 10.55 2.68 14.38
CA ALA A 104 10.86 3.40 13.11
C ALA A 104 10.51 4.88 13.22
N PHE A 105 9.36 5.18 13.82
CA PHE A 105 9.01 6.55 14.25
C PHE A 105 10.11 7.16 15.10
N LEU A 106 10.47 6.48 16.19
CA LEU A 106 11.48 6.98 17.12
C LEU A 106 12.82 7.24 16.40
N GLN A 107 13.16 6.36 15.47
CA GLN A 107 14.40 6.52 14.72
C GLN A 107 14.36 7.64 13.69
N THR A 108 13.17 8.00 13.24
CA THR A 108 13.09 8.92 12.13
C THR A 108 12.69 10.32 12.58
N THR A 109 11.62 10.42 13.39
CA THR A 109 11.09 11.73 13.84
C THR A 109 11.33 11.96 15.33
N GLY A 110 11.47 10.87 16.10
CA GLY A 110 11.55 10.94 17.53
C GLY A 110 10.17 10.95 18.19
N VAL A 111 9.11 10.75 17.40
CA VAL A 111 7.75 10.80 17.90
C VAL A 111 6.85 9.73 17.25
N VAL A 112 6.29 8.88 18.11
CA VAL A 112 5.39 7.80 17.69
C VAL A 112 3.99 8.35 17.38
N ASN A 113 3.46 7.97 16.22
CA ASN A 113 2.09 8.30 15.81
C ASN A 113 1.24 7.07 16.16
N GLN A 114 0.73 7.09 17.39
CA GLN A 114 -0.06 5.97 17.93
C GLN A 114 -1.33 5.70 17.11
N PRO A 115 -2.09 6.76 16.73
CA PRO A 115 -3.28 6.42 15.94
C PRO A 115 -2.92 5.74 14.62
N PHE A 116 -1.80 6.09 14.00
CA PHE A 116 -1.34 5.43 12.78
C PHE A 116 -1.05 3.95 13.06
N ILE A 117 -0.26 3.70 14.11
CA ILE A 117 0.06 2.36 14.56
C ILE A 117 -1.21 1.51 14.80
N ASN A 118 -2.21 2.09 15.46
CA ASN A 118 -3.48 1.42 15.72
C ASN A 118 -4.25 1.04 14.45
N GLU A 119 -4.18 1.88 13.42
CA GLU A 119 -4.71 1.52 12.09
C GLU A 119 -4.02 0.30 11.57
N ILE A 120 -2.70 0.30 11.64
CA ILE A 120 -1.95 -0.77 11.00
C ILE A 120 -2.26 -2.11 11.67
N THR A 121 -2.31 -2.10 13.00
CA THR A 121 -2.67 -3.29 13.73
C THR A 121 -4.10 -3.79 13.41
N GLN A 122 -5.04 -2.86 13.15
CA GLN A 122 -6.40 -3.21 12.66
C GLN A 122 -6.37 -3.87 11.25
N LEU A 123 -5.41 -3.44 10.41
CA LEU A 123 -5.21 -4.04 9.06
C LEU A 123 -4.82 -5.51 9.11
N VAL A 124 -3.90 -5.88 10.01
CA VAL A 124 -3.46 -7.28 10.11
C VAL A 124 -4.63 -8.22 10.38
N SER A 125 -5.43 -7.86 11.38
CA SER A 125 -6.67 -8.56 11.76
C SER A 125 -7.67 -8.66 10.60
N MET A 126 -7.90 -7.54 9.93
CA MET A 126 -8.79 -7.48 8.76
C MET A 126 -8.31 -8.40 7.63
N PHE A 127 -7.03 -8.35 7.31
CA PHE A 127 -6.48 -9.18 6.21
C PHE A 127 -6.44 -10.67 6.56
N ALA A 128 -6.19 -10.99 7.82
CA ALA A 128 -6.18 -12.36 8.29
C ALA A 128 -7.61 -12.92 8.28
N GLN A 129 -8.57 -12.11 8.75
CA GLN A 129 -9.99 -12.46 8.78
C GLN A 129 -10.46 -12.84 7.38
N ALA A 130 -10.26 -11.91 6.45
CA ALA A 130 -10.46 -12.14 5.01
C ALA A 130 -9.67 -13.35 4.47
N GLY A 131 -8.44 -13.55 4.95
CA GLY A 131 -7.61 -14.66 4.50
C GLY A 131 -8.24 -16.03 4.73
N THR B 7 -6.90 -18.99 -9.96
CA THR B 7 -7.71 -17.93 -10.64
C THR B 7 -7.75 -16.59 -9.85
N THR B 8 -6.56 -16.03 -9.62
CA THR B 8 -6.34 -14.69 -9.01
C THR B 8 -5.31 -13.89 -9.85
N PRO B 9 -5.53 -12.59 -10.06
CA PRO B 9 -4.67 -11.83 -10.99
C PRO B 9 -3.22 -11.69 -10.54
N TRP B 10 -3.00 -11.57 -9.25
CA TRP B 10 -1.66 -11.30 -8.75
C TRP B 10 -0.90 -12.55 -8.33
N THR B 11 -1.05 -13.67 -9.03
CA THR B 11 -0.13 -14.81 -8.86
C THR B 11 0.99 -14.78 -9.93
N ASN B 12 0.67 -14.16 -11.07
CA ASN B 12 1.59 -13.98 -12.20
C ASN B 12 1.89 -12.49 -12.34
N PRO B 13 3.18 -12.10 -12.43
CA PRO B 13 3.55 -10.67 -12.52
C PRO B 13 2.86 -9.93 -13.69
N GLY B 14 2.73 -10.60 -14.84
CA GLY B 14 2.10 -9.98 -16.01
C GLY B 14 0.65 -9.59 -15.77
N LEU B 15 -0.17 -10.54 -15.30
CA LEU B 15 -1.54 -10.24 -14.92
C LEU B 15 -1.66 -9.22 -13.77
N ALA B 16 -0.70 -9.23 -12.85
CA ALA B 16 -0.67 -8.27 -11.74
C ALA B 16 -0.61 -6.84 -12.24
N GLU B 17 0.30 -6.62 -13.18
CA GLU B 17 0.44 -5.32 -13.89
C GLU B 17 -0.81 -4.95 -14.67
N ASN B 18 -1.31 -5.89 -15.47
CA ASN B 18 -2.55 -5.69 -16.23
C ASN B 18 -3.73 -5.30 -15.32
N PHE B 19 -3.82 -5.92 -14.15
CA PHE B 19 -4.89 -5.65 -13.21
C PHE B 19 -4.84 -4.21 -12.69
N MET B 20 -3.65 -3.73 -12.33
CA MET B 20 -3.47 -2.33 -11.92
C MET B 20 -3.80 -1.34 -13.05
N ASN B 21 -3.28 -1.59 -14.25
CA ASN B 21 -3.57 -0.74 -15.40
C ASN B 21 -5.07 -0.77 -15.74
N SER B 22 -5.69 -1.94 -15.68
CA SER B 22 -7.12 -2.02 -15.95
C SER B 22 -7.94 -1.27 -14.88
N PHE B 23 -7.55 -1.41 -13.61
CA PHE B 23 -8.24 -0.68 -12.57
C PHE B 23 -8.18 0.83 -12.90
N MET B 24 -6.98 1.28 -13.24
CA MET B 24 -6.77 2.71 -13.49
C MET B 24 -7.54 3.25 -14.73
N GLN B 25 -7.56 2.45 -15.78
CA GLN B 25 -8.25 2.82 -16.99
CA GLN B 25 -8.28 2.76 -17.02
C GLN B 25 -9.78 2.89 -16.80
N GLY B 26 -10.36 1.93 -16.10
CA GLY B 26 -11.76 1.96 -15.70
C GLY B 26 -12.14 3.10 -14.79
N LEU B 27 -11.31 3.37 -13.76
CA LEU B 27 -11.57 4.48 -12.86
C LEU B 27 -11.60 5.86 -13.55
N SER B 28 -10.73 6.03 -14.56
CA SER B 28 -10.65 7.27 -15.35
C SER B 28 -11.94 7.67 -16.08
N SER B 29 -12.84 6.69 -16.24
CA SER B 29 -14.15 6.90 -16.88
CA SER B 29 -14.15 6.95 -16.87
CA SER B 29 -14.15 6.91 -16.88
C SER B 29 -15.30 6.87 -15.85
N MET B 30 -14.95 6.91 -14.57
CA MET B 30 -15.97 6.80 -13.52
C MET B 30 -16.20 8.10 -12.74
N PRO B 31 -17.41 8.26 -12.19
CA PRO B 31 -17.66 9.52 -11.49
C PRO B 31 -16.92 9.58 -10.14
N GLY B 32 -16.77 10.81 -9.63
CA GLY B 32 -16.31 11.04 -8.25
C GLY B 32 -14.89 11.57 -8.04
N PHE B 33 -14.10 11.60 -9.10
CA PHE B 33 -12.69 12.01 -9.03
C PHE B 33 -12.38 13.13 -10.01
N THR B 34 -11.65 14.14 -9.51
CA THR B 34 -11.17 15.21 -10.36
C THR B 34 -9.97 14.70 -11.18
N ALA B 35 -9.61 15.47 -12.21
CA ALA B 35 -8.47 15.19 -13.05
C ALA B 35 -7.17 15.07 -12.23
N SER B 36 -6.95 15.95 -11.26
CA SER B 36 -5.71 15.91 -10.48
CA SER B 36 -5.74 15.95 -10.43
C SER B 36 -5.66 14.71 -9.53
N GLN B 37 -6.80 14.34 -8.95
CA GLN B 37 -6.90 13.12 -8.13
C GLN B 37 -6.52 11.86 -8.92
N LEU B 38 -7.06 11.74 -10.14
CA LEU B 38 -6.70 10.66 -11.07
C LEU B 38 -5.25 10.70 -11.50
N ASP B 39 -4.71 11.91 -11.67
CA ASP B 39 -3.29 12.11 -11.96
CA ASP B 39 -3.29 12.06 -11.97
C ASP B 39 -2.43 11.45 -10.86
N ASP B 40 -2.74 11.82 -9.62
CA ASP B 40 -2.10 11.27 -8.40
C ASP B 40 -2.20 9.73 -8.30
N MET B 41 -3.40 9.19 -8.54
CA MET B 41 -3.64 7.74 -8.59
C MET B 41 -2.88 7.03 -9.71
N SER B 42 -2.84 7.68 -10.87
CA SER B 42 -2.13 7.22 -12.06
CA SER B 42 -2.12 7.22 -12.07
C SER B 42 -0.61 7.16 -11.84
N THR B 43 -0.04 8.21 -11.22
CA THR B 43 1.37 8.22 -10.80
C THR B 43 1.67 7.05 -9.86
N ILE B 44 0.82 6.83 -8.86
CA ILE B 44 1.06 5.75 -7.89
CA ILE B 44 1.07 5.76 -7.88
C ILE B 44 0.90 4.38 -8.56
N ALA B 45 -0.12 4.23 -9.40
CA ALA B 45 -0.30 2.99 -10.14
C ALA B 45 0.87 2.67 -11.06
N GLN B 46 1.38 3.67 -11.79
CA GLN B 46 2.51 3.49 -12.71
C GLN B 46 3.73 3.06 -11.87
N SER B 47 3.89 3.70 -10.72
CA SER B 47 4.95 3.38 -9.81
C SER B 47 4.90 1.92 -9.33
N MET B 48 3.71 1.42 -8.99
CA MET B 48 3.57 0.06 -8.53
C MET B 48 3.83 -0.96 -9.66
N VAL B 49 3.33 -0.68 -10.86
CA VAL B 49 3.53 -1.56 -12.03
C VAL B 49 5.03 -1.72 -12.32
N GLN B 50 5.70 -0.59 -12.31
CA GLN B 50 7.16 -0.52 -12.48
C GLN B 50 7.92 -1.37 -11.45
N SER B 51 7.45 -1.36 -10.20
CA SER B 51 8.08 -2.13 -9.13
CA SER B 51 8.09 -2.13 -9.15
C SER B 51 7.92 -3.63 -9.37
N ILE B 52 6.72 -4.05 -9.77
CA ILE B 52 6.47 -5.44 -10.18
C ILE B 52 7.31 -5.85 -11.38
N GLN B 53 7.43 -4.98 -12.39
CA GLN B 53 8.31 -5.26 -13.53
C GLN B 53 9.74 -5.44 -13.07
N SER B 54 10.22 -4.55 -12.22
CA SER B 54 11.61 -4.63 -11.72
C SER B 54 11.84 -5.93 -10.94
N LEU B 55 10.88 -6.31 -10.09
CA LEU B 55 10.97 -7.56 -9.31
C LEU B 55 10.92 -8.80 -10.18
N ALA B 56 10.10 -8.75 -11.22
CA ALA B 56 10.01 -9.85 -12.16
C ALA B 56 11.33 -9.99 -12.95
N ALA B 57 11.91 -8.87 -13.40
CA ALA B 57 13.16 -8.94 -14.17
C ALA B 57 14.30 -9.50 -13.31
N GLN B 58 14.31 -9.19 -12.02
CA GLN B 58 15.39 -9.72 -11.14
C GLN B 58 15.07 -11.11 -10.58
N GLY B 59 13.92 -11.67 -10.96
CA GLY B 59 13.54 -13.01 -10.56
C GLY B 59 13.09 -13.12 -9.11
N ARG B 60 12.47 -12.05 -8.57
CA ARG B 60 12.19 -12.00 -7.13
C ARG B 60 10.72 -11.97 -6.72
N THR B 61 9.81 -12.16 -7.68
CA THR B 61 8.37 -12.30 -7.37
C THR B 61 8.00 -13.70 -6.81
N SER B 62 6.85 -13.76 -6.13
CA SER B 62 6.24 -15.00 -5.62
C SER B 62 4.79 -14.64 -5.39
N PRO B 63 3.86 -15.63 -5.37
CA PRO B 63 2.45 -15.24 -5.09
C PRO B 63 2.24 -14.35 -3.83
N ASN B 64 2.89 -14.70 -2.71
CA ASN B 64 2.75 -13.96 -1.45
C ASN B 64 3.26 -12.54 -1.61
N LYS B 65 4.35 -12.37 -2.34
CA LYS B 65 4.89 -11.03 -2.56
C LYS B 65 4.02 -10.20 -3.49
N LEU B 66 3.52 -10.81 -4.54
CA LEU B 66 2.65 -10.11 -5.48
C LEU B 66 1.31 -9.74 -4.83
N GLN B 67 0.77 -10.61 -3.99
CA GLN B 67 -0.44 -10.29 -3.22
C GLN B 67 -0.23 -9.07 -2.34
N ALA B 68 0.95 -8.97 -1.75
CA ALA B 68 1.31 -7.88 -0.79
C ALA B 68 1.43 -6.52 -1.49
N LEU B 69 2.07 -6.56 -2.66
CA LEU B 69 2.19 -5.41 -3.59
C LEU B 69 0.87 -4.99 -4.19
N ASN B 70 0.02 -5.97 -4.54
CA ASN B 70 -1.32 -5.68 -4.99
C ASN B 70 -2.11 -4.94 -3.91
N MET B 71 -1.97 -5.38 -2.68
CA MET B 71 -2.67 -4.73 -1.57
C MET B 71 -2.05 -3.36 -1.24
N ALA B 72 -0.74 -3.22 -1.41
CA ALA B 72 -0.13 -1.89 -1.31
C ALA B 72 -0.79 -0.96 -2.32
N PHE B 73 -0.98 -1.42 -3.55
CA PHE B 73 -1.64 -0.60 -4.56
C PHE B 73 -3.09 -0.24 -4.23
N ALA B 74 -3.90 -1.26 -3.91
CA ALA B 74 -5.32 -1.01 -3.63
C ALA B 74 -5.47 -0.11 -2.39
N SER B 75 -4.62 -0.29 -1.38
CA SER B 75 -4.68 0.55 -0.18
C SER B 75 -4.21 1.98 -0.45
N SER B 76 -3.21 2.16 -1.32
CA SER B 76 -2.81 3.51 -1.74
C SER B 76 -3.98 4.26 -2.45
N MET B 77 -4.75 3.54 -3.26
CA MET B 77 -5.87 4.12 -3.98
C MET B 77 -6.97 4.56 -3.00
N ALA B 78 -7.25 3.71 -2.01
CA ALA B 78 -8.23 3.98 -0.96
C ALA B 78 -7.79 5.18 -0.08
N GLN B 79 -6.50 5.24 0.22
CA GLN B 79 -5.92 6.35 1.00
C GLN B 79 -6.01 7.68 0.25
N ILE B 80 -5.57 7.68 -1.01
CA ILE B 80 -5.72 8.85 -1.91
C ILE B 80 -7.19 9.29 -1.91
N ALA B 81 -8.10 8.37 -2.20
CA ALA B 81 -9.52 8.72 -2.32
C ALA B 81 -10.07 9.38 -1.03
N ALA B 82 -9.67 8.87 0.12
CA ALA B 82 -10.13 9.39 1.40
C ALA B 82 -9.47 10.71 1.81
N SER B 83 -8.25 10.97 1.31
CA SER B 83 -7.43 12.15 1.68
C SER B 83 -7.70 13.38 0.85
N GLU B 84 -7.95 13.17 -0.43
CA GLU B 84 -8.17 14.27 -1.35
C GLU B 84 -9.68 14.59 -1.44
N GLU B 85 -10.07 15.70 -0.83
CA GLU B 85 -11.47 16.14 -0.86
C GLU B 85 -11.89 16.76 -2.22
N GLY B 86 -13.18 16.75 -2.50
CA GLY B 86 -13.67 17.36 -3.72
C GLY B 86 -13.81 16.35 -4.84
N GLY B 87 -14.68 16.69 -5.78
CA GLY B 87 -14.86 15.89 -6.98
C GLY B 87 -16.01 14.91 -6.90
N GLY B 88 -16.66 14.83 -5.73
CA GLY B 88 -17.76 13.88 -5.54
C GLY B 88 -17.75 13.37 -4.13
N SER B 89 -18.88 12.78 -3.73
CA SER B 89 -19.08 12.29 -2.35
C SER B 89 -18.20 11.08 -2.04
N LEU B 90 -17.93 10.80 -0.77
CA LEU B 90 -17.21 9.59 -0.39
C LEU B 90 -17.90 8.32 -0.90
N SER B 91 -19.23 8.27 -0.86
CA SER B 91 -19.98 7.14 -1.38
CA SER B 91 -20.01 7.16 -1.38
C SER B 91 -19.76 6.89 -2.87
N THR B 92 -19.67 7.96 -3.66
CA THR B 92 -19.40 7.87 -5.11
C THR B 92 -17.96 7.41 -5.37
N LYS B 93 -17.00 8.00 -4.65
CA LYS B 93 -15.60 7.57 -4.72
C LYS B 93 -15.47 6.06 -4.44
N THR B 94 -16.05 5.59 -3.34
CA THR B 94 -16.08 4.16 -2.94
C THR B 94 -16.77 3.25 -3.98
N SER B 95 -17.89 3.69 -4.55
CA SER B 95 -18.57 2.87 -5.55
CA SER B 95 -18.59 2.92 -5.55
C SER B 95 -17.80 2.85 -6.88
N SER B 96 -17.19 3.97 -7.26
CA SER B 96 -16.37 3.97 -8.47
C SER B 96 -15.15 3.06 -8.25
N ILE B 97 -14.53 3.15 -7.08
CA ILE B 97 -13.39 2.29 -6.79
C ILE B 97 -13.75 0.81 -6.83
N ALA B 98 -14.88 0.45 -6.22
CA ALA B 98 -15.39 -0.92 -6.29
C ALA B 98 -15.68 -1.40 -7.72
N SER B 99 -16.30 -0.57 -8.53
CA SER B 99 -16.64 -0.92 -9.92
C SER B 99 -15.36 -1.06 -10.77
N ALA B 100 -14.38 -0.18 -10.56
CA ALA B 100 -13.13 -0.26 -11.32
C ALA B 100 -12.35 -1.54 -10.94
N MET B 101 -12.38 -1.89 -9.65
CA MET B 101 -11.84 -3.16 -9.15
C MET B 101 -12.52 -4.42 -9.71
N SER B 102 -13.85 -4.45 -9.70
CA SER B 102 -14.64 -5.53 -10.28
C SER B 102 -14.30 -5.73 -11.75
N ASN B 103 -14.31 -4.64 -12.51
CA ASN B 103 -13.99 -4.66 -13.94
C ASN B 103 -12.57 -5.20 -14.18
N ALA B 104 -11.61 -4.77 -13.36
CA ALA B 104 -10.22 -5.21 -13.47
C ALA B 104 -10.06 -6.72 -13.30
N PHE B 105 -10.80 -7.33 -12.37
CA PHE B 105 -10.86 -8.79 -12.27
C PHE B 105 -11.45 -9.40 -13.54
N LEU B 106 -12.56 -8.84 -14.02
CA LEU B 106 -13.21 -9.38 -15.21
C LEU B 106 -12.31 -9.32 -16.44
N GLN B 107 -11.46 -8.28 -16.52
CA GLN B 107 -10.58 -8.11 -17.68
C GLN B 107 -9.29 -8.92 -17.57
N THR B 108 -9.02 -9.49 -16.41
CA THR B 108 -7.81 -10.26 -16.24
C THR B 108 -8.24 -11.72 -16.12
N THR B 109 -8.48 -12.21 -14.91
CA THR B 109 -8.89 -13.65 -14.73
C THR B 109 -10.31 -14.03 -15.19
N GLY B 110 -11.22 -13.06 -15.15
CA GLY B 110 -12.63 -13.33 -15.43
C GLY B 110 -13.42 -13.65 -14.17
N VAL B 111 -12.77 -13.57 -13.01
CA VAL B 111 -13.38 -13.98 -11.75
C VAL B 111 -13.22 -12.83 -10.75
N VAL B 112 -14.33 -12.24 -10.32
CA VAL B 112 -14.29 -11.18 -9.31
C VAL B 112 -14.06 -11.76 -7.92
N ASN B 113 -13.11 -11.19 -7.21
CA ASN B 113 -12.78 -11.66 -5.86
C ASN B 113 -13.50 -10.71 -4.90
N GLN B 114 -14.65 -11.15 -4.41
CA GLN B 114 -15.57 -10.27 -3.65
C GLN B 114 -15.09 -9.84 -2.26
N PRO B 115 -14.52 -10.78 -1.49
CA PRO B 115 -13.88 -10.46 -0.22
C PRO B 115 -12.85 -9.35 -0.38
N PHE B 116 -12.03 -9.45 -1.44
CA PHE B 116 -11.07 -8.39 -1.77
C PHE B 116 -11.77 -7.04 -2.08
N ILE B 117 -12.78 -7.02 -2.94
CA ILE B 117 -13.55 -5.80 -3.17
C ILE B 117 -14.10 -5.23 -1.85
N ASN B 118 -14.69 -6.10 -1.03
CA ASN B 118 -15.22 -5.68 0.27
C ASN B 118 -14.15 -5.12 1.21
N GLU B 119 -12.93 -5.67 1.14
CA GLU B 119 -11.84 -5.16 1.97
C GLU B 119 -11.51 -3.69 1.58
N ILE B 120 -11.40 -3.46 0.26
CA ILE B 120 -10.98 -2.16 -0.25
C ILE B 120 -12.02 -1.11 0.08
N THR B 121 -13.30 -1.45 -0.09
CA THR B 121 -14.41 -0.59 0.38
CA THR B 121 -14.37 -0.54 0.36
C THR B 121 -14.31 -0.22 1.86
N GLN B 122 -14.03 -1.20 2.71
CA GLN B 122 -13.78 -1.00 4.13
C GLN B 122 -12.58 -0.03 4.36
N LEU B 123 -11.54 -0.18 3.55
CA LEU B 123 -10.35 0.68 3.62
C LEU B 123 -10.67 2.13 3.31
N VAL B 124 -11.51 2.37 2.29
CA VAL B 124 -11.89 3.76 2.00
C VAL B 124 -12.54 4.41 3.25
N SER B 125 -13.49 3.70 3.83
CA SER B 125 -14.23 4.12 5.00
C SER B 125 -13.35 4.30 6.26
N MET B 126 -12.51 3.33 6.53
CA MET B 126 -11.54 3.40 7.65
C MET B 126 -10.49 4.54 7.48
N PHE B 127 -10.06 4.77 6.26
CA PHE B 127 -9.11 5.86 5.99
C PHE B 127 -9.78 7.27 6.09
N ALA B 128 -11.03 7.38 5.67
CA ALA B 128 -11.81 8.62 5.80
C ALA B 128 -12.14 8.98 7.24
N GLN B 129 -12.38 7.97 8.09
CA GLN B 129 -12.61 8.17 9.52
C GLN B 129 -11.35 8.62 10.22
N ALA B 130 -10.24 7.95 9.93
CA ALA B 130 -8.94 8.30 10.52
C ALA B 130 -8.49 9.73 10.23
N GLY B 131 -8.75 10.21 9.01
CA GLY B 131 -8.49 11.57 8.60
C GLY B 131 -9.50 12.50 9.26
C1 EDO C . -0.38 17.41 -2.42
O1 EDO C . -0.57 17.52 -1.01
C2 EDO C . 0.27 18.67 -3.01
O2 EDO C . -0.25 18.85 -4.33
C1 EDO D . -6.30 -10.65 1.80
O1 EDO D . -6.39 -9.23 1.86
C2 EDO D . -6.35 -11.23 3.19
O2 EDO D . -5.48 -12.36 3.23
C1 PEG E . 12.56 0.22 13.65
O1 PEG E . 11.67 -0.84 14.02
C2 PEG E . 13.56 0.61 14.75
O2 PEG E . 14.71 1.13 14.12
C3 PEG E . 15.70 0.14 13.78
C4 PEG E . 17.01 0.83 13.38
O4 PEG E . 16.91 1.93 12.44
C1 EDO F . 3.53 -17.77 -2.34
O1 EDO F . 4.80 -17.26 -1.92
C2 EDO F . 3.17 -19.12 -1.71
O2 EDO F . 1.94 -19.58 -2.29
C1 EDO G . -14.41 -15.70 -3.31
O1 EDO G . -13.31 -15.68 -2.38
C2 EDO G . -14.22 -14.62 -4.39
O2 EDO G . -15.47 -14.07 -4.83
C1 PEG H . -18.74 12.75 1.45
O1 PEG H . -19.12 14.02 0.85
C2 PEG H . -20.08 12.03 1.62
O2 PEG H . -19.92 10.66 1.98
C3 PEG H . -20.80 9.79 1.24
C4 PEG H . -21.13 8.65 2.21
O4 PEG H . -19.95 8.09 2.83
C1 PGE I . 16.57 -8.22 0.22
O1 PGE I . 15.76 -7.05 0.04
C2 PGE I . 15.70 -9.48 0.28
O2 PGE I . 16.45 -10.65 -0.10
C3 PGE I . 16.62 -10.89 -1.50
C4 PGE I . 15.77 -12.08 -1.96
O4 PGE I . 13.49 -14.29 -4.60
C6 PGE I . 13.76 -13.86 -3.25
C5 PGE I . 13.67 -12.34 -3.12
O3 PGE I . 14.96 -11.74 -3.10
C1 PGE J . 2.35 1.74 -15.83
O1 PGE J . 1.04 2.12 -15.34
C2 PGE J . 2.39 1.40 -17.33
O2 PGE J . 1.94 0.06 -17.62
C3 PGE J . 2.97 -0.83 -18.06
C4 PGE J . 2.41 -2.23 -18.24
O4 PGE J . 2.73 -2.77 -22.00
C6 PGE J . 3.64 -3.51 -21.16
C5 PGE J . 2.92 -3.90 -19.86
O3 PGE J . 3.41 -3.12 -18.75
#